data_6QSH
#
_entry.id   6QSH
#
_cell.length_a   53.367
_cell.length_b   67.258
_cell.length_c   69.680
_cell.angle_alpha   90.00
_cell.angle_beta   90.00
_cell.angle_gamma   90.00
#
_symmetry.space_group_name_H-M   'P 2 21 21'
#
loop_
_entity.id
_entity.type
_entity.pdbx_description
1 polymer Pizza6S
2 non-polymer '1:2 Ce-substituted Keggin'
3 water water
#
_entity_poly.entity_id   1
_entity_poly.type   'polypeptide(L)'
_entity_poly.pdbx_seq_one_letter_code
;GSHMSNTQTVLPFTGLNTPSGVAVDSAGTVYVTDHGNNRVVKLAAGSNTQTVLPFTGLNTPSGVAVDSAGTVYVTDHGNN
RVVKLAAGSNTQTVLPFTGLNTPSGVAVDSAGTVYVTDHGNNRVVKLAAGSNTQTVLPFTGLNTPSGVAVDSAGTVYVTD
HGNNRVVKLAAGSNTQTVLPFTGLNTPSGVAVDSAGTVYVTDHGNNRVVKLAAGSNTQTVLPFTGLNTPSGVAVDSAGTV
YVTDHGNNRVVKLAAG
;
_entity_poly.pdbx_strand_id   A
#
# COMPACT_ATOMS: atom_id res chain seq x y z
N THR A 7 -14.16 -18.69 1.57
CA THR A 7 -12.95 -19.37 2.03
C THR A 7 -11.71 -18.80 1.35
N GLN A 8 -10.73 -18.42 2.17
CA GLN A 8 -9.50 -17.85 1.65
C GLN A 8 -8.66 -18.92 0.95
N THR A 9 -7.70 -18.44 0.14
CA THR A 9 -6.79 -19.33 -0.57
C THR A 9 -5.41 -18.69 -0.60
N VAL A 10 -4.39 -19.53 -0.50
CA VAL A 10 -3.00 -19.07 -0.51
C VAL A 10 -2.49 -19.08 -1.94
N LEU A 11 -1.87 -17.98 -2.35
CA LEU A 11 -1.41 -17.84 -3.73
C LEU A 11 -0.05 -18.52 -3.90
N PRO A 12 0.19 -19.15 -5.06
CA PRO A 12 1.44 -19.90 -5.25
C PRO A 12 2.68 -19.02 -5.29
N PHE A 13 3.20 -18.66 -4.12
CA PHE A 13 4.41 -17.86 -4.00
C PHE A 13 5.51 -18.69 -3.36
N THR A 14 6.73 -18.57 -3.89
CA THR A 14 7.85 -19.41 -3.49
C THR A 14 9.05 -18.56 -3.12
N GLY A 15 9.82 -19.04 -2.15
CA GLY A 15 11.11 -18.46 -1.82
C GLY A 15 11.10 -16.99 -1.44
N LEU A 16 10.27 -16.64 -0.46
CA LEU A 16 10.23 -15.29 0.07
C LEU A 16 10.28 -15.34 1.59
N ASN A 17 11.16 -14.55 2.19
CA ASN A 17 11.32 -14.47 3.63
C ASN A 17 10.86 -13.10 4.08
N THR A 18 9.79 -13.06 4.88
CA THR A 18 9.17 -11.85 5.39
C THR A 18 8.69 -10.98 4.22
N PRO A 19 7.41 -11.01 3.89
CA PRO A 19 6.88 -10.13 2.83
C PRO A 19 6.44 -8.78 3.40
N SER A 20 6.35 -7.81 2.49
CA SER A 20 6.02 -6.45 2.87
C SER A 20 4.66 -6.10 2.29
N GLY A 21 4.59 -5.34 1.19
CA GLY A 21 3.32 -4.88 0.65
C GLY A 21 2.81 -5.75 -0.50
N VAL A 22 1.64 -5.37 -1.00
CA VAL A 22 0.96 -6.09 -2.06
C VAL A 22 0.30 -5.08 -3.00
N ALA A 23 0.13 -5.50 -4.26
CA ALA A 23 -0.52 -4.68 -5.26
C ALA A 23 -1.08 -5.59 -6.34
N VAL A 24 -2.19 -5.16 -6.94
CA VAL A 24 -2.90 -5.94 -7.95
C VAL A 24 -3.08 -5.08 -9.18
N ASP A 25 -2.89 -5.67 -10.36
CA ASP A 25 -3.05 -4.99 -11.64
C ASP A 25 -4.54 -4.78 -11.95
N SER A 26 -4.80 -4.21 -13.13
CA SER A 26 -6.17 -4.15 -13.63
C SER A 26 -6.58 -5.41 -14.36
N ALA A 27 -5.61 -6.23 -14.78
CA ALA A 27 -5.89 -7.50 -15.42
C ALA A 27 -6.07 -8.63 -14.42
N GLY A 28 -5.36 -8.59 -13.29
CA GLY A 28 -5.54 -9.59 -12.26
C GLY A 28 -4.26 -10.09 -11.64
N THR A 29 -3.11 -9.80 -12.24
CA THR A 29 -1.84 -10.28 -11.73
C THR A 29 -1.40 -9.46 -10.51
N VAL A 30 -0.94 -10.17 -9.49
CA VAL A 30 -0.64 -9.58 -8.19
C VAL A 30 0.86 -9.31 -8.08
N TYR A 31 1.21 -8.33 -7.25
CA TYR A 31 2.59 -7.97 -6.98
C TYR A 31 2.87 -8.09 -5.49
N VAL A 32 4.10 -8.45 -5.15
CA VAL A 32 4.54 -8.52 -3.77
C VAL A 32 5.98 -8.01 -3.69
N THR A 33 6.34 -7.49 -2.51
CA THR A 33 7.68 -6.95 -2.27
C THR A 33 8.43 -7.91 -1.37
N ASP A 34 9.38 -8.65 -1.94
CA ASP A 34 10.22 -9.57 -1.18
C ASP A 34 11.18 -8.74 -0.32
N HIS A 35 10.65 -8.31 0.84
CA HIS A 35 11.42 -7.57 1.88
C HIS A 35 12.84 -8.11 2.06
N GLY A 36 13.02 -9.40 2.33
CA GLY A 36 14.29 -9.92 2.79
C GLY A 36 15.28 -10.22 1.70
N ASN A 37 14.81 -10.45 0.47
CA ASN A 37 15.68 -10.69 -0.67
C ASN A 37 15.93 -9.44 -1.49
N ASN A 38 15.42 -8.29 -1.06
CA ASN A 38 15.50 -7.03 -1.80
C ASN A 38 15.01 -7.24 -3.23
N ARG A 39 13.70 -7.49 -3.31
CA ARG A 39 13.11 -8.09 -4.51
C ARG A 39 11.64 -7.70 -4.58
N VAL A 40 11.11 -7.65 -5.80
CA VAL A 40 9.71 -7.30 -6.04
C VAL A 40 9.12 -8.38 -6.93
N VAL A 41 8.57 -9.43 -6.31
CA VAL A 41 8.04 -10.56 -7.04
C VAL A 41 6.62 -10.27 -7.49
N LYS A 42 6.26 -10.75 -8.67
CA LYS A 42 4.91 -10.64 -9.21
C LYS A 42 4.35 -12.04 -9.47
N LEU A 43 3.07 -12.09 -9.83
CA LEU A 43 2.40 -13.36 -10.05
C LEU A 43 1.24 -13.15 -11.00
N ALA A 44 1.29 -13.79 -12.17
CA ALA A 44 0.24 -13.67 -13.17
C ALA A 44 -1.07 -14.28 -12.68
N ASN A 48 0.09 -18.29 -13.09
CA ASN A 48 1.18 -19.20 -13.40
C ASN A 48 2.21 -19.24 -12.27
N THR A 49 3.49 -19.27 -12.63
CA THR A 49 4.58 -19.32 -11.67
C THR A 49 5.08 -17.91 -11.38
N GLN A 50 5.59 -17.73 -10.16
CA GLN A 50 6.06 -16.42 -9.72
C GLN A 50 7.29 -15.98 -10.50
N THR A 51 7.53 -14.67 -10.48
CA THR A 51 8.64 -14.04 -11.20
C THR A 51 8.79 -12.63 -10.65
N VAL A 52 9.99 -12.09 -10.80
CA VAL A 52 10.36 -10.79 -10.23
C VAL A 52 10.73 -9.83 -11.35
N LEU A 53 10.36 -8.56 -11.18
CA LEU A 53 10.70 -7.52 -12.14
C LEU A 53 12.20 -7.23 -12.11
N PRO A 54 12.73 -6.62 -13.18
CA PRO A 54 14.17 -6.29 -13.22
C PRO A 54 14.53 -5.07 -12.37
N PHE A 55 14.32 -5.20 -11.06
CA PHE A 55 14.71 -4.14 -10.13
C PHE A 55 16.20 -4.19 -9.87
N THR A 56 16.82 -3.01 -9.76
CA THR A 56 18.27 -2.88 -9.63
C THR A 56 18.61 -2.13 -8.34
N GLY A 57 19.43 -2.76 -7.51
CA GLY A 57 19.96 -2.09 -6.33
C GLY A 57 18.96 -1.82 -5.24
N LEU A 58 18.06 -2.76 -4.96
CA LEU A 58 17.09 -2.59 -3.88
C LEU A 58 17.69 -3.00 -2.55
N ASN A 59 17.16 -2.41 -1.48
CA ASN A 59 17.61 -2.75 -0.12
C ASN A 59 16.41 -2.60 0.80
N THR A 60 15.81 -3.73 1.18
CA THR A 60 14.63 -3.80 2.04
C THR A 60 13.50 -2.96 1.49
N PRO A 61 12.81 -3.43 0.45
CA PRO A 61 11.66 -2.68 -0.08
C PRO A 61 10.43 -2.85 0.80
N SER A 62 9.48 -1.94 0.63
CA SER A 62 8.27 -1.95 1.44
C SER A 62 7.01 -1.89 0.58
N GLY A 63 6.43 -0.70 0.44
CA GLY A 63 5.20 -0.57 -0.30
C GLY A 63 5.36 -0.82 -1.78
N VAL A 64 4.23 -1.06 -2.44
CA VAL A 64 4.22 -1.34 -3.88
C VAL A 64 2.86 -0.92 -4.43
N ALA A 65 2.88 -0.19 -5.54
CA ALA A 65 1.67 0.22 -6.23
C ALA A 65 1.90 0.08 -7.73
N VAL A 66 0.80 0.01 -8.49
CA VAL A 66 0.87 -0.13 -9.93
C VAL A 66 -0.01 0.93 -10.58
N ASP A 67 0.39 1.33 -11.78
CA ASP A 67 -0.28 2.42 -12.50
C ASP A 67 -1.33 1.86 -13.45
N SER A 68 -1.98 2.77 -14.19
CA SER A 68 -2.98 2.36 -15.16
C SER A 68 -2.34 1.67 -16.37
N ALA A 69 -1.13 2.08 -16.75
CA ALA A 69 -0.43 1.48 -17.86
C ALA A 69 0.47 0.32 -17.44
N GLY A 70 0.50 -0.03 -16.16
CA GLY A 70 1.32 -1.12 -15.67
C GLY A 70 2.61 -0.71 -15.00
N THR A 71 2.81 0.57 -14.73
CA THR A 71 4.03 1.03 -14.08
C THR A 71 4.02 0.66 -12.60
N VAL A 72 5.01 -0.11 -12.18
CA VAL A 72 5.11 -0.57 -10.79
C VAL A 72 5.93 0.43 -10.00
N TYR A 73 5.39 0.89 -8.87
CA TYR A 73 6.06 1.85 -8.00
C TYR A 73 6.38 1.18 -6.68
N VAL A 74 7.67 0.96 -6.43
CA VAL A 74 8.15 0.32 -5.21
C VAL A 74 9.13 1.25 -4.52
N THR A 75 8.98 1.41 -3.22
CA THR A 75 9.85 2.26 -2.42
C THR A 75 10.92 1.43 -1.73
N ASP A 76 11.94 2.13 -1.24
CA ASP A 76 13.06 1.52 -0.52
C ASP A 76 13.17 2.18 0.86
N HIS A 77 12.73 1.45 1.90
CA HIS A 77 12.92 1.95 3.29
C HIS A 77 14.37 2.34 3.69
N GLY A 78 15.34 1.44 3.52
CA GLY A 78 16.70 1.73 3.95
C GLY A 78 17.47 2.61 2.98
N ASN A 79 17.21 2.48 1.68
CA ASN A 79 17.87 3.31 0.70
C ASN A 79 17.21 4.68 0.54
N ASN A 80 16.03 4.87 1.14
CA ASN A 80 15.32 6.15 1.10
C ASN A 80 15.03 6.59 -0.34
N ARG A 81 14.83 5.62 -1.23
CA ARG A 81 14.57 5.87 -2.64
C ARG A 81 13.14 5.50 -3.00
N VAL A 82 12.77 5.81 -4.24
CA VAL A 82 11.47 5.44 -4.81
C VAL A 82 11.72 5.11 -6.27
N VAL A 83 11.59 3.83 -6.64
CA VAL A 83 11.90 3.36 -7.99
C VAL A 83 10.60 2.96 -8.68
N LYS A 84 10.60 3.14 -10.00
CA LYS A 84 9.45 2.77 -10.83
C LYS A 84 9.94 2.11 -12.10
N LEU A 85 9.09 1.25 -12.66
CA LEU A 85 9.38 0.55 -13.91
C LEU A 85 8.20 0.74 -14.85
N ALA A 86 8.45 1.38 -15.99
CA ALA A 86 7.39 1.73 -16.93
C ALA A 86 6.72 0.51 -17.52
N ALA A 87 7.18 0.08 -18.70
CA ALA A 87 6.61 -1.04 -19.43
C ALA A 87 7.61 -2.20 -19.43
N GLY A 88 7.54 -3.05 -20.45
CA GLY A 88 8.43 -4.19 -20.56
C GLY A 88 9.86 -3.82 -20.86
N SER A 89 10.59 -3.36 -19.84
CA SER A 89 11.98 -2.98 -20.02
C SER A 89 12.72 -3.19 -18.70
N ASN A 90 14.05 -3.30 -18.80
CA ASN A 90 14.91 -3.47 -17.65
C ASN A 90 15.52 -2.14 -17.19
N THR A 91 14.96 -1.03 -17.61
CA THR A 91 15.46 0.30 -17.25
C THR A 91 14.68 0.83 -16.06
N GLN A 92 15.40 1.20 -15.00
CA GLN A 92 14.80 1.71 -13.78
C GLN A 92 14.79 3.24 -13.80
N THR A 93 13.98 3.81 -12.91
CA THR A 93 13.85 5.26 -12.81
C THR A 93 13.61 5.62 -11.35
N VAL A 94 14.48 6.47 -10.80
CA VAL A 94 14.32 6.97 -9.44
C VAL A 94 13.54 8.27 -9.48
N LEU A 95 12.41 8.30 -8.79
CA LEU A 95 11.56 9.49 -8.80
C LEU A 95 12.27 10.63 -8.07
N PRO A 96 12.11 11.87 -8.53
CA PRO A 96 12.80 13.00 -7.88
C PRO A 96 12.21 13.35 -6.53
N PHE A 97 12.37 12.46 -5.55
CA PHE A 97 11.90 12.69 -4.19
C PHE A 97 13.08 13.10 -3.32
N THR A 98 12.97 14.26 -2.67
CA THR A 98 14.03 14.78 -1.82
C THR A 98 13.53 14.85 -0.38
N GLY A 99 14.47 14.69 0.56
CA GLY A 99 14.14 14.70 1.97
C GLY A 99 13.46 13.45 2.49
N LEU A 100 13.23 12.46 1.62
CA LEU A 100 12.59 11.22 2.03
C LEU A 100 13.45 10.47 3.03
N ASN A 101 13.20 10.67 4.32
CA ASN A 101 13.92 9.94 5.37
C ASN A 101 13.09 8.73 5.75
N THR A 102 13.44 7.57 5.18
CA THR A 102 12.78 6.30 5.45
C THR A 102 11.29 6.37 5.14
N PRO A 103 10.89 6.19 3.88
CA PRO A 103 9.48 6.30 3.53
C PRO A 103 8.73 4.99 3.80
N SER A 104 7.41 5.09 3.77
CA SER A 104 6.52 3.96 4.05
C SER A 104 5.87 3.52 2.74
N GLY A 105 4.55 3.32 2.68
CA GLY A 105 3.91 2.80 1.50
C GLY A 105 3.91 3.80 0.34
N VAL A 106 3.22 3.41 -0.72
CA VAL A 106 3.16 4.21 -1.94
C VAL A 106 1.83 3.95 -2.64
N ALA A 107 1.18 5.02 -3.10
CA ALA A 107 -0.05 4.94 -3.86
C ALA A 107 0.08 5.83 -5.09
N VAL A 108 -0.81 5.62 -6.06
CA VAL A 108 -0.79 6.36 -7.31
C VAL A 108 -2.20 6.77 -7.70
N ASP A 109 -2.30 7.95 -8.33
CA ASP A 109 -3.56 8.50 -8.79
C ASP A 109 -3.88 7.98 -10.19
N SER A 110 -5.13 8.22 -10.62
CA SER A 110 -5.52 7.88 -11.98
C SER A 110 -4.83 8.76 -13.01
N ALA A 111 -4.36 9.94 -12.62
CA ALA A 111 -3.65 10.83 -13.52
C ALA A 111 -2.15 10.57 -13.55
N GLY A 112 -1.63 9.78 -12.61
CA GLY A 112 -0.21 9.48 -12.56
C GLY A 112 0.54 10.07 -11.39
N THR A 113 -0.14 10.76 -10.48
CA THR A 113 0.51 11.36 -9.33
C THR A 113 0.85 10.29 -8.30
N VAL A 114 2.12 10.24 -7.91
CA VAL A 114 2.60 9.25 -6.96
C VAL A 114 2.50 9.81 -5.55
N TYR A 115 1.93 9.03 -4.64
CA TYR A 115 1.78 9.41 -3.24
C TYR A 115 2.73 8.55 -2.41
N VAL A 116 3.59 9.21 -1.62
CA VAL A 116 4.59 8.54 -0.81
C VAL A 116 4.39 8.96 0.64
N THR A 117 4.41 7.99 1.55
CA THR A 117 4.28 8.24 2.98
C THR A 117 5.67 8.30 3.58
N ASP A 118 6.17 9.51 3.80
CA ASP A 118 7.48 9.71 4.42
C ASP A 118 7.35 9.40 5.92
N HIS A 119 7.81 8.22 6.31
CA HIS A 119 7.61 7.78 7.69
C HIS A 119 8.48 8.56 8.66
N GLY A 120 9.80 8.64 8.39
CA GLY A 120 10.72 9.14 9.39
C GLY A 120 10.44 10.56 9.81
N ASN A 121 9.78 11.33 8.95
CA ASN A 121 9.46 12.73 9.23
C ASN A 121 7.98 12.93 9.54
N ASN A 122 7.20 11.85 9.60
CA ASN A 122 5.78 11.90 9.97
C ASN A 122 5.00 12.83 9.04
N ARG A 123 5.02 12.50 7.75
CA ARG A 123 4.29 13.27 6.75
C ARG A 123 4.03 12.40 5.54
N VAL A 124 3.15 12.90 4.66
CA VAL A 124 2.81 12.22 3.42
C VAL A 124 3.05 13.20 2.28
N VAL A 125 3.91 12.81 1.33
CA VAL A 125 4.30 13.68 0.23
C VAL A 125 3.83 13.07 -1.08
N LYS A 126 3.34 13.91 -1.97
CA LYS A 126 2.90 13.50 -3.29
C LYS A 126 3.69 14.24 -4.36
N LEU A 127 3.81 13.61 -5.53
CA LEU A 127 4.58 14.17 -6.63
C LEU A 127 3.86 13.86 -7.93
N ALA A 128 3.55 14.91 -8.70
CA ALA A 128 2.88 14.73 -9.97
C ALA A 128 3.82 14.12 -11.01
N ALA A 129 3.22 13.55 -12.07
CA ALA A 129 4.01 12.93 -13.12
C ALA A 129 4.79 13.97 -13.90
N GLY A 130 6.09 13.73 -14.07
CA GLY A 130 6.94 14.68 -14.76
C GLY A 130 7.30 15.92 -13.97
N SER A 131 7.02 15.94 -12.67
CA SER A 131 7.32 17.09 -11.83
C SER A 131 8.57 16.83 -11.00
N ASN A 132 9.32 17.91 -10.76
CA ASN A 132 10.54 17.84 -9.95
C ASN A 132 10.34 18.36 -8.53
N THR A 133 9.22 19.02 -8.25
CA THR A 133 8.95 19.62 -6.95
C THR A 133 7.90 18.78 -6.22
N GLN A 134 8.25 18.26 -5.05
CA GLN A 134 7.34 17.46 -4.26
C GLN A 134 6.40 18.37 -3.45
N THR A 135 5.25 17.80 -3.08
CA THR A 135 4.21 18.54 -2.37
C THR A 135 3.81 17.78 -1.11
N VAL A 136 3.91 18.43 0.03
CA VAL A 136 3.55 17.83 1.31
C VAL A 136 2.07 18.08 1.57
N LEU A 137 1.34 17.02 1.87
CA LEU A 137 -0.10 17.15 2.09
C LEU A 137 -0.38 17.81 3.44
N PRO A 138 -1.50 18.55 3.54
CA PRO A 138 -1.83 19.21 4.81
C PRO A 138 -2.31 18.24 5.88
N PHE A 139 -1.44 17.30 6.28
CA PHE A 139 -1.74 16.34 7.32
C PHE A 139 -1.15 16.83 8.63
N THR A 140 -1.96 16.87 9.68
CA THR A 140 -1.55 17.40 10.97
C THR A 140 -1.82 16.39 12.07
N GLY A 141 -0.86 16.25 12.98
CA GLY A 141 -1.03 15.37 14.12
C GLY A 141 -0.87 13.90 13.79
N LEU A 142 0.29 13.52 13.25
CA LEU A 142 0.55 12.14 12.88
C LEU A 142 1.76 11.62 13.65
N ASN A 143 1.78 10.30 13.83
CA ASN A 143 2.89 9.61 14.48
C ASN A 143 3.18 8.34 13.70
N THR A 144 4.37 8.28 13.11
CA THR A 144 4.86 7.14 12.34
C THR A 144 3.81 6.59 11.40
N PRO A 145 3.50 7.29 10.31
CA PRO A 145 2.44 6.83 9.40
C PRO A 145 2.87 5.60 8.61
N SER A 146 1.88 4.94 8.00
CA SER A 146 2.12 3.69 7.30
C SER A 146 1.63 3.74 5.86
N GLY A 147 0.55 3.02 5.56
CA GLY A 147 0.07 2.92 4.20
C GLY A 147 -0.68 4.15 3.74
N VAL A 148 -0.78 4.30 2.43
CA VAL A 148 -1.48 5.41 1.79
C VAL A 148 -2.33 4.86 0.65
N ALA A 149 -3.50 5.46 0.46
CA ALA A 149 -4.42 5.03 -0.59
C ALA A 149 -5.21 6.23 -1.10
N VAL A 150 -5.39 6.30 -2.41
CA VAL A 150 -6.14 7.37 -3.04
C VAL A 150 -7.22 6.75 -3.92
N ASP A 151 -8.44 7.26 -3.81
CA ASP A 151 -9.56 6.71 -4.56
C ASP A 151 -9.74 7.44 -5.89
N SER A 152 -10.96 7.44 -6.41
CA SER A 152 -11.28 8.11 -7.67
C SER A 152 -11.57 9.59 -7.50
N ALA A 153 -12.03 10.01 -6.34
CA ALA A 153 -12.34 11.42 -6.07
C ALA A 153 -11.13 12.18 -5.53
N GLY A 154 -9.94 11.57 -5.55
CA GLY A 154 -8.75 12.22 -5.06
C GLY A 154 -8.57 12.21 -3.56
N THR A 155 -9.47 11.58 -2.82
CA THR A 155 -9.35 11.53 -1.36
C THR A 155 -8.18 10.62 -0.98
N VAL A 156 -7.36 11.10 -0.04
CA VAL A 156 -6.15 10.40 0.38
C VAL A 156 -6.43 9.72 1.71
N TYR A 157 -6.22 8.40 1.75
CA TYR A 157 -6.42 7.60 2.95
C TYR A 157 -5.05 7.17 3.49
N VAL A 158 -4.66 7.75 4.62
CA VAL A 158 -3.37 7.46 5.24
C VAL A 158 -3.63 6.82 6.59
N THR A 159 -2.86 5.77 6.90
CA THR A 159 -2.99 5.08 8.19
C THR A 159 -2.00 5.71 9.16
N ASP A 160 -2.46 6.72 9.90
CA ASP A 160 -1.69 7.26 11.01
C ASP A 160 -1.52 6.17 12.06
N HIS A 161 -0.39 5.47 11.99
CA HIS A 161 -0.21 4.22 12.74
C HIS A 161 0.03 4.49 14.23
N GLY A 162 0.90 5.45 14.57
CA GLY A 162 1.30 5.68 15.95
C GLY A 162 0.17 5.96 16.92
N ASN A 163 -1.03 6.23 16.43
CA ASN A 163 -2.18 6.49 17.30
C ASN A 163 -3.34 5.54 17.04
N ASN A 164 -3.14 4.49 16.27
CA ASN A 164 -4.19 3.51 15.97
C ASN A 164 -5.44 4.18 15.41
N ARG A 165 -5.26 4.83 14.25
CA ARG A 165 -6.35 5.55 13.60
C ARG A 165 -6.15 5.47 12.08
N VAL A 166 -7.15 5.94 11.35
CA VAL A 166 -7.09 6.07 9.91
C VAL A 166 -7.59 7.47 9.56
N VAL A 167 -6.70 8.33 9.10
CA VAL A 167 -7.06 9.72 8.80
C VAL A 167 -7.48 9.83 7.35
N LYS A 168 -8.19 10.91 7.03
CA LYS A 168 -8.70 11.15 5.69
C LYS A 168 -8.48 12.61 5.34
N LEU A 169 -8.17 12.87 4.06
CA LEU A 169 -7.96 14.22 3.55
C LEU A 169 -8.87 14.41 2.34
N ALA A 170 -9.93 15.19 2.51
CA ALA A 170 -10.85 15.44 1.41
C ALA A 170 -10.19 16.28 0.32
N ALA A 171 -10.53 15.99 -0.93
CA ALA A 171 -9.97 16.72 -2.05
C ALA A 171 -10.50 18.15 -2.08
N GLY A 172 -9.65 19.08 -2.50
CA GLY A 172 -10.03 20.48 -2.54
C GLY A 172 -9.80 21.18 -1.22
N SER A 173 -10.48 20.71 -0.17
CA SER A 173 -10.32 21.27 1.17
C SER A 173 -9.12 20.62 1.85
N ASN A 174 -8.88 21.02 3.10
CA ASN A 174 -7.78 20.48 3.89
C ASN A 174 -8.27 20.01 5.26
N THR A 175 -9.52 19.57 5.34
CA THR A 175 -10.08 19.09 6.60
C THR A 175 -9.70 17.63 6.81
N GLN A 176 -9.02 17.34 7.92
CA GLN A 176 -8.60 15.99 8.26
C GLN A 176 -9.57 15.40 9.28
N THR A 177 -10.13 14.24 8.95
CA THR A 177 -11.06 13.54 9.82
C THR A 177 -10.55 12.14 10.12
N VAL A 178 -11.11 11.55 11.18
CA VAL A 178 -10.74 10.21 11.61
C VAL A 178 -11.84 9.25 11.20
N LEU A 179 -11.45 8.14 10.56
CA LEU A 179 -12.42 7.17 10.10
C LEU A 179 -13.01 6.42 11.30
N PRO A 180 -14.32 6.18 11.31
CA PRO A 180 -14.95 5.49 12.45
C PRO A 180 -14.52 4.04 12.55
N PHE A 181 -13.37 3.80 13.20
CA PHE A 181 -12.84 2.46 13.39
C PHE A 181 -12.72 2.17 14.88
N THR A 182 -13.08 0.94 15.27
CA THR A 182 -13.01 0.50 16.65
C THR A 182 -12.19 -0.77 16.75
N GLY A 183 -11.46 -0.91 17.85
CA GLY A 183 -10.58 -2.04 18.04
C GLY A 183 -9.27 -1.96 17.29
N LEU A 184 -9.00 -0.84 16.63
CA LEU A 184 -7.75 -0.68 15.90
C LEU A 184 -6.57 -0.60 16.87
N ASN A 185 -5.59 -1.46 16.66
CA ASN A 185 -4.34 -1.43 17.40
C ASN A 185 -3.21 -1.59 16.41
N THR A 186 -2.21 -0.67 16.47
CA THR A 186 -1.04 -0.56 15.56
C THR A 186 -1.49 -0.98 14.16
N PRO A 187 -2.33 -0.21 13.48
CA PRO A 187 -2.82 -0.64 12.17
C PRO A 187 -1.85 -0.30 11.05
N SER A 188 -1.85 -1.16 10.02
CA SER A 188 -0.86 -1.07 8.96
C SER A 188 -1.44 -0.57 7.63
N GLY A 189 -1.54 -1.46 6.65
CA GLY A 189 -1.87 -1.03 5.31
C GLY A 189 -3.29 -0.51 5.19
N VAL A 190 -3.54 0.19 4.09
CA VAL A 190 -4.84 0.75 3.78
C VAL A 190 -5.13 0.52 2.31
N ALA A 191 -6.40 0.31 1.98
CA ALA A 191 -6.83 0.12 0.61
C ALA A 191 -8.22 0.72 0.45
N VAL A 192 -8.62 0.91 -0.81
CA VAL A 192 -9.92 1.48 -1.13
C VAL A 192 -10.36 0.95 -2.48
N ASP A 193 -11.67 0.82 -2.67
CA ASP A 193 -12.25 0.34 -3.91
C ASP A 193 -13.02 1.46 -4.60
N SER A 194 -13.81 1.10 -5.60
CA SER A 194 -14.57 2.09 -6.36
C SER A 194 -15.80 2.58 -5.61
N ALA A 195 -16.43 1.70 -4.82
CA ALA A 195 -17.64 2.10 -4.10
C ALA A 195 -17.33 3.01 -2.91
N GLY A 196 -16.09 3.03 -2.43
CA GLY A 196 -15.71 3.83 -1.29
C GLY A 196 -15.38 3.06 -0.04
N THR A 197 -15.50 1.74 -0.06
CA THR A 197 -15.13 0.93 1.10
C THR A 197 -13.61 0.91 1.27
N VAL A 198 -13.16 1.28 2.47
CA VAL A 198 -11.74 1.37 2.77
C VAL A 198 -11.34 0.12 3.57
N TYR A 199 -10.39 -0.65 3.04
CA TYR A 199 -9.91 -1.87 3.69
C TYR A 199 -8.63 -1.52 4.45
N VAL A 200 -8.67 -1.64 5.77
CA VAL A 200 -7.53 -1.33 6.62
C VAL A 200 -7.14 -2.59 7.37
N THR A 201 -5.86 -2.94 7.30
CA THR A 201 -5.36 -4.15 7.94
C THR A 201 -5.05 -3.85 9.40
N ASP A 202 -5.89 -4.35 10.30
CA ASP A 202 -5.64 -4.24 11.73
C ASP A 202 -4.47 -5.15 12.09
N HIS A 203 -3.28 -4.58 12.15
CA HIS A 203 -2.07 -5.39 12.28
C HIS A 203 -1.90 -5.96 13.68
N GLY A 204 -2.38 -5.23 14.70
CA GLY A 204 -2.16 -5.67 16.07
C GLY A 204 -3.01 -6.86 16.47
N ASN A 205 -4.19 -7.01 15.84
CA ASN A 205 -5.10 -8.09 16.17
C ASN A 205 -5.07 -9.22 15.15
N ASN A 206 -4.15 -9.14 14.18
CA ASN A 206 -3.98 -10.17 13.14
C ASN A 206 -5.30 -10.40 12.39
N ARG A 207 -5.81 -9.31 11.80
CA ARG A 207 -7.08 -9.36 11.09
C ARG A 207 -7.10 -8.28 10.02
N VAL A 208 -7.93 -8.50 9.01
CA VAL A 208 -8.18 -7.52 7.95
C VAL A 208 -9.59 -6.99 8.12
N VAL A 209 -9.71 -5.67 8.18
CA VAL A 209 -10.99 -5.02 8.45
C VAL A 209 -11.37 -4.12 7.28
N LYS A 210 -12.67 -4.02 7.04
CA LYS A 210 -13.21 -3.14 6.00
C LYS A 210 -14.33 -2.30 6.58
N LEU A 211 -14.53 -1.12 6.00
CA LEU A 211 -15.57 -0.20 6.44
C LEU A 211 -16.22 0.43 5.22
N ALA A 212 -17.52 0.20 5.05
CA ALA A 212 -18.23 0.75 3.91
C ALA A 212 -18.34 2.28 4.04
N ALA A 213 -18.51 2.93 2.89
CA ALA A 213 -18.62 4.38 2.87
C ALA A 213 -19.95 4.81 3.47
N GLY A 214 -19.89 5.73 4.44
CA GLY A 214 -21.09 6.19 5.10
C GLY A 214 -21.76 5.14 5.96
N SER A 215 -21.00 4.24 6.57
CA SER A 215 -21.54 3.17 7.37
C SER A 215 -20.88 3.14 8.73
N ASN A 216 -21.66 2.75 9.73
CA ASN A 216 -21.17 2.58 11.09
C ASN A 216 -20.68 1.16 11.36
N THR A 217 -21.16 0.18 10.59
CA THR A 217 -20.83 -1.21 10.83
C THR A 217 -19.42 -1.53 10.33
N GLN A 218 -18.55 -1.97 11.22
CA GLN A 218 -17.20 -2.39 10.88
C GLN A 218 -17.17 -3.91 10.74
N THR A 219 -16.64 -4.39 9.61
CA THR A 219 -16.71 -5.80 9.25
C THR A 219 -15.32 -6.42 9.30
N VAL A 220 -15.18 -7.50 10.05
CA VAL A 220 -13.93 -8.27 10.10
C VAL A 220 -13.97 -9.30 8.97
N LEU A 221 -12.93 -9.28 8.13
CA LEU A 221 -12.89 -10.17 6.98
C LEU A 221 -12.50 -11.58 7.42
N PRO A 222 -13.17 -12.61 6.89
CA PRO A 222 -12.85 -13.99 7.30
C PRO A 222 -11.51 -14.45 6.77
N PHE A 223 -10.43 -14.03 7.43
CA PHE A 223 -9.07 -14.46 7.10
C PHE A 223 -8.57 -15.36 8.22
N THR A 224 -8.18 -16.58 7.88
CA THR A 224 -7.75 -17.58 8.85
C THR A 224 -6.24 -17.78 8.76
N GLY A 225 -5.58 -17.70 9.91
CA GLY A 225 -4.16 -17.99 9.98
C GLY A 225 -3.24 -16.82 9.75
N LEU A 226 -3.69 -15.60 10.03
CA LEU A 226 -2.88 -14.42 9.79
C LEU A 226 -1.92 -14.19 10.95
N ASN A 227 -0.65 -13.92 10.62
CA ASN A 227 0.38 -13.62 11.62
C ASN A 227 1.01 -12.28 11.25
N THR A 228 0.54 -11.22 11.90
CA THR A 228 0.96 -9.84 11.65
C THR A 228 0.82 -9.48 10.19
N PRO A 229 -0.41 -9.32 9.68
CA PRO A 229 -0.58 -8.91 8.29
C PRO A 229 -0.34 -7.43 8.11
N SER A 230 -0.11 -7.04 6.85
CA SER A 230 0.26 -5.66 6.56
C SER A 230 -0.35 -5.16 5.25
N GLY A 231 0.39 -5.29 4.16
CA GLY A 231 -0.05 -4.78 2.87
C GLY A 231 -1.39 -5.32 2.42
N VAL A 232 -2.26 -4.43 1.93
CA VAL A 232 -3.62 -4.78 1.53
C VAL A 232 -3.91 -4.18 0.17
N ALA A 233 -4.52 -4.97 -0.71
CA ALA A 233 -4.92 -4.51 -2.03
C ALA A 233 -6.30 -5.07 -2.35
N VAL A 234 -6.92 -4.49 -3.38
CA VAL A 234 -8.25 -4.90 -3.83
C VAL A 234 -8.33 -4.69 -5.33
N ASP A 235 -8.88 -5.68 -6.03
CA ASP A 235 -8.96 -5.62 -7.49
C ASP A 235 -10.31 -5.09 -7.96
N SER A 236 -10.80 -5.58 -9.09
CA SER A 236 -12.04 -5.08 -9.67
C SER A 236 -13.26 -5.73 -9.01
N ALA A 237 -13.29 -7.06 -8.96
CA ALA A 237 -14.45 -7.77 -8.44
C ALA A 237 -14.58 -7.65 -6.91
N GLY A 238 -13.62 -7.03 -6.24
CA GLY A 238 -13.66 -6.88 -4.81
C GLY A 238 -12.84 -7.87 -4.02
N THR A 239 -11.97 -8.64 -4.68
CA THR A 239 -11.13 -9.58 -3.97
C THR A 239 -10.04 -8.84 -3.20
N VAL A 240 -9.88 -9.15 -1.92
CA VAL A 240 -8.95 -8.46 -1.05
C VAL A 240 -7.68 -9.29 -0.93
N TYR A 241 -6.57 -8.73 -1.38
CA TYR A 241 -5.25 -9.36 -1.28
C TYR A 241 -4.52 -8.73 -0.10
N VAL A 242 -4.07 -9.55 0.84
CA VAL A 242 -3.38 -9.08 2.03
C VAL A 242 -2.18 -9.97 2.30
N THR A 243 -1.02 -9.35 2.50
CA THR A 243 0.20 -10.07 2.85
C THR A 243 0.31 -10.19 4.36
N ASP A 244 0.64 -11.39 4.83
CA ASP A 244 0.95 -11.63 6.24
C ASP A 244 2.45 -11.81 6.39
N HIS A 245 3.03 -11.06 7.33
CA HIS A 245 4.48 -11.03 7.46
C HIS A 245 5.03 -12.23 8.24
N GLY A 246 4.26 -12.76 9.19
CA GLY A 246 4.76 -13.83 10.03
C GLY A 246 4.77 -15.20 9.37
N ASN A 247 3.92 -15.42 8.36
CA ASN A 247 3.82 -16.72 7.72
C ASN A 247 4.52 -16.79 6.36
N ASN A 248 5.05 -15.67 5.87
CA ASN A 248 5.79 -15.64 4.59
C ASN A 248 4.92 -16.13 3.43
N ARG A 249 3.73 -15.55 3.31
CA ARG A 249 2.80 -15.95 2.25
C ARG A 249 1.80 -14.84 2.02
N VAL A 250 1.11 -14.91 0.88
CA VAL A 250 0.07 -13.97 0.51
C VAL A 250 -1.24 -14.73 0.42
N VAL A 251 -2.31 -14.11 0.91
CA VAL A 251 -3.64 -14.73 0.96
C VAL A 251 -4.65 -13.77 0.36
N LYS A 252 -5.51 -14.28 -0.51
CA LYS A 252 -6.59 -13.51 -1.09
C LYS A 252 -7.93 -14.10 -0.69
N LEU A 253 -8.96 -13.27 -0.72
CA LEU A 253 -10.31 -13.67 -0.33
C LEU A 253 -11.32 -13.00 -1.26
N ALA A 254 -12.03 -13.80 -2.04
CA ALA A 254 -13.01 -13.27 -2.97
C ALA A 254 -14.22 -12.69 -2.23
N ALA A 255 -14.91 -11.77 -2.90
CA ALA A 255 -16.08 -11.12 -2.31
C ALA A 255 -17.26 -12.09 -2.24
#